data_2JFF
#
_entry.id   2JFF
#
_cell.length_a   65.288
_cell.length_b   65.288
_cell.length_c   135.060
_cell.angle_alpha   90.00
_cell.angle_beta   90.00
_cell.angle_gamma   90.00
#
_symmetry.space_group_name_H-M   'P 41'
#
loop_
_entity.id
_entity.type
_entity.pdbx_description
1 polymer 'UDP-N-ACETYLMURAMOYLALANINE--D-GLUTAMATE LIGASE'
2 non-polymer 'N-[(6-BUTOXYNAPHTHALEN-2-YL)SULFONYL]-D-GLUTAMIC ACID'
3 non-polymer 'SULFATE ION'
4 water water
#
_entity_poly.entity_id   1
_entity_poly.type   'polypeptide(L)'
_entity_poly.pdbx_seq_one_letter_code
;MADYQGKNVVIIGLGLTGLSCVDFFLARGVTPRVMDTRMTPPGLDKLPEAVERHTGSLNDEWLMAADLIVASPGIALAHP
SLSAAADAGIEIVGDIELFCREAQAPIVAITGSNGKSTVTTLVGEMAKAAGVNVGVGGNIGLPALMLLDDECELYVLELS
SFQLETTSSLQAVAATILNVTEDHMDRYPFGLQQYRAA(KCX)LRIYENAKVCVVNADDALTMPIRGADERCVSFGVNMG
DYHLNHQQGETWLRVKGEKVLNVKEMKLSGQHNYTNALAALALADAAGLPRASSLKALTTFTGLPHRFEVVLEHNGVRWI
NDSKATNVGSTEAALNGLHVDGTLHLLLGGDGKSADFSPLARYLNGDNVRLYCFGRDGAQLAALRPEVAEQTETMEQAMR
LLAPRVQPGDMVLLSPACASLDQFKNFEQRGNEFARLAKELGSHHHHHH
;
_entity_poly.pdbx_strand_id   A
#
# COMPACT_ATOMS: atom_id res chain seq x y z
N ALA A 2 -13.77 10.10 22.63
CA ALA A 2 -12.67 10.67 23.49
C ALA A 2 -12.80 12.20 23.56
N ASP A 3 -12.25 12.78 24.64
CA ASP A 3 -12.28 14.22 24.86
C ASP A 3 -10.86 14.79 25.01
N TYR A 4 -10.50 15.71 24.12
CA TYR A 4 -9.14 16.25 24.07
C TYR A 4 -9.01 17.65 24.64
N GLN A 5 -10.12 18.19 25.18
CA GLN A 5 -10.08 19.57 25.67
C GLN A 5 -9.07 19.71 26.80
N GLY A 6 -8.29 20.79 26.72
CA GLY A 6 -7.28 21.06 27.72
C GLY A 6 -5.97 20.30 27.61
N LYS A 7 -5.88 19.34 26.70
CA LYS A 7 -4.65 18.53 26.58
C LYS A 7 -3.59 19.26 25.75
N ASN A 8 -2.32 19.04 26.10
CA ASN A 8 -1.18 19.51 25.32
C ASN A 8 -0.93 18.42 24.27
N VAL A 9 -1.20 18.74 23.02
CA VAL A 9 -1.12 17.78 21.91
C VAL A 9 0.04 18.09 20.97
N VAL A 10 0.87 17.08 20.71
CA VAL A 10 1.96 17.22 19.74
C VAL A 10 1.74 16.23 18.62
N ILE A 11 1.78 16.71 17.38
CA ILE A 11 1.67 15.87 16.16
C ILE A 11 3.05 15.80 15.51
N ILE A 12 3.53 14.59 15.24
CA ILE A 12 4.81 14.42 14.55
C ILE A 12 4.52 14.02 13.12
N GLY A 13 4.98 14.84 12.17
CA GLY A 13 4.81 14.57 10.75
C GLY A 13 3.71 15.42 10.17
N LEU A 14 4.05 16.23 9.17
CA LEU A 14 3.03 17.01 8.49
C LEU A 14 2.49 16.19 7.29
N GLY A 15 2.55 16.74 6.09
CA GLY A 15 1.86 16.10 4.96
C GLY A 15 0.35 16.20 5.14
N LEU A 16 -0.40 15.61 4.21
CA LEU A 16 -1.87 15.68 4.25
C LEU A 16 -2.43 15.00 5.53
N THR A 17 -1.75 13.96 5.96
CA THR A 17 -2.12 13.20 7.16
C THR A 17 -1.89 14.05 8.40
N GLY A 18 -0.69 14.62 8.51
CA GLY A 18 -0.37 15.52 9.62
C GLY A 18 -1.31 16.68 9.62
N LEU A 19 -1.62 17.19 8.42
CA LEU A 19 -2.60 18.29 8.28
C LEU A 19 -4.00 17.89 8.70
N SER A 20 -4.39 16.64 8.38
CA SER A 20 -5.73 16.18 8.76
C SER A 20 -5.80 16.06 10.27
N CYS A 21 -4.69 15.69 10.90
CA CYS A 21 -4.64 15.66 12.37
C CYS A 21 -4.73 17.06 12.96
N VAL A 22 -3.95 17.99 12.43
CA VAL A 22 -4.06 19.42 12.80
C VAL A 22 -5.50 19.94 12.69
N ASP A 23 -6.11 19.74 11.53
CA ASP A 23 -7.51 20.17 11.31
C ASP A 23 -8.46 19.49 12.29
N PHE A 24 -8.25 18.18 12.55
CA PHE A 24 -9.05 17.41 13.54
C PHE A 24 -9.07 18.05 14.93
N PHE A 25 -7.89 18.45 15.40
CA PHE A 25 -7.77 19.06 16.70
C PHE A 25 -8.33 20.50 16.73
N LEU A 26 -7.96 21.31 15.75
CA LEU A 26 -8.48 22.69 15.69
C LEU A 26 -10.03 22.73 15.76
N ALA A 27 -10.66 21.91 14.93
CA ALA A 27 -12.13 21.80 14.84
C ALA A 27 -12.73 21.34 16.15
N ARG A 28 -11.90 20.76 17.03
CA ARG A 28 -12.32 20.34 18.36
C ARG A 28 -11.88 21.28 19.46
N GLY A 29 -11.44 22.49 19.08
CA GLY A 29 -11.05 23.51 20.06
C GLY A 29 -9.72 23.26 20.76
N VAL A 30 -8.84 22.54 20.08
CA VAL A 30 -7.51 22.18 20.62
C VAL A 30 -6.46 22.64 19.63
N THR A 31 -5.56 23.54 20.05
CA THR A 31 -4.44 23.94 19.19
C THR A 31 -3.26 23.00 19.46
N PRO A 32 -2.92 22.14 18.48
CA PRO A 32 -1.79 21.23 18.69
C PRO A 32 -0.50 21.95 18.33
N ARG A 33 0.63 21.30 18.57
CA ARG A 33 1.91 21.76 18.04
C ARG A 33 2.41 20.67 17.10
N VAL A 34 3.13 21.07 16.06
CA VAL A 34 3.59 20.13 15.01
C VAL A 34 5.10 20.10 14.96
N MET A 35 5.67 18.90 14.84
CA MET A 35 7.10 18.74 14.56
C MET A 35 7.32 17.76 13.40
N ASP A 36 8.44 17.90 12.72
CA ASP A 36 8.75 16.98 11.61
C ASP A 36 10.27 16.95 11.52
N THR A 37 10.83 15.77 11.32
CA THR A 37 12.28 15.62 11.18
C THR A 37 12.81 16.21 9.86
N ARG A 38 11.93 16.43 8.88
CA ARG A 38 12.31 17.01 7.57
C ARG A 38 12.30 18.55 7.66
N MET A 39 13.23 19.24 7.00
CA MET A 39 13.32 20.70 7.19
C MET A 39 12.17 21.45 6.53
N THR A 40 11.78 21.02 5.33
CA THR A 40 10.61 21.56 4.64
C THR A 40 9.61 20.44 4.31
N PRO A 41 8.85 19.97 5.33
CA PRO A 41 7.92 18.88 5.08
C PRO A 41 6.76 19.31 4.16
N PRO A 42 6.23 18.37 3.35
CA PRO A 42 5.06 18.71 2.53
C PRO A 42 3.94 19.32 3.38
N GLY A 43 3.23 20.30 2.80
CA GLY A 43 2.10 20.93 3.47
C GLY A 43 2.44 21.99 4.50
N LEU A 44 3.73 22.24 4.71
CA LEU A 44 4.18 23.28 5.64
C LEU A 44 3.52 24.63 5.32
N ASP A 45 3.42 24.94 4.03
CA ASP A 45 2.80 26.18 3.56
C ASP A 45 1.29 26.19 3.82
N LYS A 46 0.70 25.01 3.98
CA LYS A 46 -0.73 24.90 4.24
C LYS A 46 -1.04 24.96 5.74
N LEU A 47 -0.02 24.76 6.56
CA LEU A 47 -0.18 24.80 8.02
C LEU A 47 -0.58 26.20 8.49
N PRO A 48 -1.71 26.31 9.21
CA PRO A 48 -2.14 27.64 9.70
C PRO A 48 -1.06 28.32 10.55
N GLU A 49 -0.87 29.64 10.35
CA GLU A 49 0.15 30.40 11.11
C GLU A 49 0.03 30.31 12.63
N ALA A 50 -1.20 30.16 13.15
CA ALA A 50 -1.41 30.11 14.61
C ALA A 50 -0.87 28.80 15.25
N VAL A 51 -0.59 27.83 14.40
CA VAL A 51 -0.07 26.54 14.86
C VAL A 51 1.47 26.59 14.90
N GLU A 52 2.01 26.41 16.10
CA GLU A 52 3.46 26.35 16.30
C GLU A 52 4.01 25.09 15.68
N ARG A 53 5.18 25.23 15.04
CA ARG A 53 5.85 24.11 14.38
C ARG A 53 7.36 24.11 14.64
N HIS A 54 7.93 22.92 14.62
CA HIS A 54 9.35 22.73 14.79
C HIS A 54 9.80 21.73 13.73
N THR A 55 10.67 22.17 12.82
CA THR A 55 11.04 21.26 11.71
C THR A 55 12.54 20.99 11.66
N GLY A 56 12.93 19.90 11.00
CA GLY A 56 14.34 19.52 10.89
C GLY A 56 14.93 18.60 11.95
N SER A 57 14.15 18.29 13.00
CA SER A 57 14.56 17.44 14.10
C SER A 57 13.34 17.25 15.01
N LEU A 58 13.41 16.33 15.96
CA LEU A 58 12.37 16.33 17.00
C LEU A 58 12.70 17.36 18.07
N ASN A 59 11.71 17.74 18.86
CA ASN A 59 11.89 18.65 19.96
C ASN A 59 11.47 17.91 21.24
N ASP A 60 12.47 17.44 21.98
CA ASP A 60 12.20 16.73 23.23
C ASP A 60 11.53 17.54 24.32
N GLU A 61 11.71 18.86 24.32
CA GLU A 61 10.98 19.74 25.27
C GLU A 61 9.47 19.64 24.99
N TRP A 62 9.10 19.71 23.72
CA TRP A 62 7.70 19.58 23.34
C TRP A 62 7.15 18.19 23.61
N LEU A 63 7.92 17.15 23.28
CA LEU A 63 7.45 15.78 23.45
C LEU A 63 7.23 15.43 24.91
N MET A 64 8.20 15.81 25.75
CA MET A 64 8.17 15.46 27.17
C MET A 64 7.16 16.29 27.95
N ALA A 65 6.69 17.37 27.34
CA ALA A 65 5.65 18.23 27.92
C ALA A 65 4.25 17.82 27.47
N ALA A 66 4.16 16.92 26.49
CA ALA A 66 2.86 16.58 25.88
C ALA A 66 1.99 15.71 26.77
N ASP A 67 0.67 15.88 26.64
CA ASP A 67 -0.30 14.92 27.21
C ASP A 67 -0.66 13.82 26.19
N LEU A 68 -0.51 14.14 24.91
CA LEU A 68 -0.79 13.18 23.85
C LEU A 68 0.16 13.48 22.68
N ILE A 69 0.80 12.44 22.17
CA ILE A 69 1.63 12.55 20.97
C ILE A 69 0.93 11.79 19.84
N VAL A 70 0.77 12.44 18.70
CA VAL A 70 0.10 11.82 17.54
C VAL A 70 1.19 11.62 16.50
N ALA A 71 1.62 10.37 16.37
CA ALA A 71 2.82 10.05 15.59
C ALA A 71 2.47 9.59 14.18
N SER A 72 2.98 10.30 13.18
CA SER A 72 2.96 9.81 11.80
C SER A 72 3.39 8.34 11.73
N PRO A 73 2.76 7.55 10.82
CA PRO A 73 3.28 6.20 10.59
C PRO A 73 4.75 6.23 10.13
N GLY A 74 5.20 7.35 9.58
CA GLY A 74 6.53 7.49 9.04
C GLY A 74 7.62 7.65 10.10
N ILE A 75 7.26 7.74 11.38
CA ILE A 75 8.30 7.76 12.41
C ILE A 75 8.22 6.48 13.25
N ALA A 76 9.37 5.85 13.48
CA ALA A 76 9.40 4.66 14.38
C ALA A 76 9.05 4.96 15.83
N LEU A 77 8.18 4.13 16.43
CA LEU A 77 7.99 4.13 17.89
C LEU A 77 9.30 3.83 18.64
N ALA A 78 10.20 3.11 17.98
CA ALA A 78 11.53 2.82 18.55
C ALA A 78 12.50 4.01 18.51
N HIS A 79 12.12 5.13 17.92
CA HIS A 79 12.97 6.33 17.91
C HIS A 79 13.23 6.70 19.39
N PRO A 80 14.51 6.92 19.79
CA PRO A 80 14.84 7.26 21.18
C PRO A 80 13.94 8.30 21.84
N SER A 81 13.54 9.33 21.10
CA SER A 81 12.68 10.40 21.63
C SER A 81 11.29 9.88 21.98
N LEU A 82 10.75 8.98 21.14
CA LEU A 82 9.44 8.39 21.38
C LEU A 82 9.46 7.31 22.44
N SER A 83 10.57 6.58 22.47
CA SER A 83 10.82 5.58 23.46
C SER A 83 10.85 6.25 24.85
N ALA A 84 11.52 7.39 24.94
CA ALA A 84 11.60 8.20 26.16
C ALA A 84 10.24 8.68 26.62
N ALA A 85 9.43 9.19 25.67
CA ALA A 85 8.07 9.64 26.01
C ALA A 85 7.21 8.46 26.49
N ALA A 86 7.29 7.32 25.79
CA ALA A 86 6.54 6.12 26.20
C ALA A 86 6.92 5.69 27.62
N ASP A 87 8.23 5.67 27.88
CA ASP A 87 8.76 5.31 29.22
C ASP A 87 8.19 6.20 30.30
N ALA A 88 7.95 7.47 29.96
CA ALA A 88 7.33 8.47 30.84
C ALA A 88 5.81 8.34 31.03
N GLY A 89 5.21 7.38 30.33
CA GLY A 89 3.76 7.19 30.38
C GLY A 89 2.97 8.19 29.55
N ILE A 90 3.62 8.85 28.59
CA ILE A 90 2.92 9.80 27.73
C ILE A 90 2.26 9.00 26.63
N GLU A 91 0.96 9.20 26.46
CA GLU A 91 0.16 8.42 25.50
C GLU A 91 0.58 8.73 24.06
N ILE A 92 0.80 7.68 23.26
CA ILE A 92 1.14 7.84 21.83
C ILE A 92 0.12 7.10 20.97
N VAL A 93 -0.47 7.82 20.01
CA VAL A 93 -1.45 7.28 19.06
C VAL A 93 -1.07 7.71 17.62
N GLY A 94 -1.80 7.21 16.64
CA GLY A 94 -1.68 7.79 15.29
C GLY A 94 -3.04 8.24 14.76
N ASP A 95 -3.07 8.69 13.51
CA ASP A 95 -4.34 9.17 12.91
C ASP A 95 -5.45 8.11 12.89
N ILE A 96 -5.08 6.85 12.64
CA ILE A 96 -6.07 5.76 12.55
C ILE A 96 -6.74 5.54 13.91
N GLU A 97 -5.94 5.60 14.97
CA GLU A 97 -6.48 5.53 16.34
C GLU A 97 -7.52 6.63 16.64
N LEU A 98 -7.16 7.85 16.29
CA LEU A 98 -8.06 8.98 16.50
C LEU A 98 -9.36 8.77 15.72
N PHE A 99 -9.22 8.30 14.49
CA PHE A 99 -10.37 8.01 13.65
C PHE A 99 -11.28 6.94 14.26
N CYS A 100 -10.71 5.78 14.67
CA CYS A 100 -11.48 4.66 15.24
C CYS A 100 -12.27 5.10 16.46
N ARG A 101 -11.69 6.00 17.25
CA ARG A 101 -12.39 6.49 18.47
C ARG A 101 -13.65 7.27 18.15
N GLU A 102 -13.74 7.78 16.94
CA GLU A 102 -14.86 8.64 16.51
C GLU A 102 -15.84 8.01 15.50
N ALA A 103 -15.34 7.08 14.68
CA ALA A 103 -16.15 6.60 13.56
C ALA A 103 -17.50 6.06 14.03
N GLN A 104 -18.57 6.39 13.28
CA GLN A 104 -19.91 5.94 13.64
C GLN A 104 -20.53 5.00 12.59
N ALA A 105 -19.67 4.36 11.81
CA ALA A 105 -20.10 3.33 10.87
C ALA A 105 -19.10 2.18 11.00
N PRO A 106 -19.49 0.97 10.58
CA PRO A 106 -18.60 -0.20 10.56
C PRO A 106 -17.38 0.07 9.69
N ILE A 107 -16.25 -0.56 10.04
CA ILE A 107 -14.98 -0.42 9.29
C ILE A 107 -14.54 -1.77 8.75
N VAL A 108 -14.27 -1.82 7.44
CA VAL A 108 -13.56 -2.96 6.80
C VAL A 108 -12.09 -2.51 6.77
N ALA A 109 -11.21 -3.34 7.33
CA ALA A 109 -9.79 -2.97 7.48
C ALA A 109 -8.90 -3.96 6.72
N ILE A 110 -8.02 -3.44 5.88
CA ILE A 110 -7.25 -4.28 4.98
C ILE A 110 -5.78 -3.95 5.07
N THR A 111 -4.96 -4.97 5.30
CA THR A 111 -3.52 -4.79 5.23
C THR A 111 -2.87 -5.94 4.42
N GLY A 112 -1.56 -5.89 4.28
CA GLY A 112 -0.80 -6.91 3.55
C GLY A 112 0.36 -6.27 2.80
N SER A 113 1.27 -7.10 2.33
CA SER A 113 2.47 -6.61 1.68
C SER A 113 2.18 -6.25 0.22
N ASN A 114 1.15 -6.89 -0.35
CA ASN A 114 0.76 -6.65 -1.74
C ASN A 114 -0.74 -6.87 -1.86
N GLY A 115 -1.36 -6.02 -2.68
CA GLY A 115 -2.79 -6.17 -3.05
C GLY A 115 -3.73 -5.36 -2.18
N LYS A 116 -3.19 -4.68 -1.16
CA LYS A 116 -4.08 -4.01 -0.21
C LYS A 116 -4.84 -2.82 -0.80
N SER A 117 -4.23 -2.04 -1.68
CA SER A 117 -5.00 -0.91 -2.29
C SER A 117 -6.05 -1.41 -3.25
N THR A 118 -5.70 -2.45 -3.99
CA THR A 118 -6.66 -3.11 -4.91
C THR A 118 -7.88 -3.67 -4.18
N VAL A 119 -7.64 -4.42 -3.11
CA VAL A 119 -8.73 -4.96 -2.31
C VAL A 119 -9.54 -3.84 -1.63
N THR A 120 -8.85 -2.85 -1.05
CA THR A 120 -9.54 -1.66 -0.49
C THR A 120 -10.48 -0.96 -1.50
N THR A 121 -9.95 -0.68 -2.70
CA THR A 121 -10.69 0.02 -3.72
C THR A 121 -11.86 -0.85 -4.20
N LEU A 122 -11.62 -2.17 -4.31
CA LEU A 122 -12.67 -3.13 -4.71
C LEU A 122 -13.82 -3.16 -3.72
N VAL A 123 -13.53 -3.27 -2.43
CA VAL A 123 -14.60 -3.28 -1.45
C VAL A 123 -15.41 -1.94 -1.51
N GLY A 124 -14.71 -0.82 -1.69
CA GLY A 124 -15.34 0.51 -1.90
C GLY A 124 -16.33 0.49 -3.07
N GLU A 125 -15.88 -0.07 -4.20
CA GLU A 125 -16.76 -0.20 -5.38
C GLU A 125 -17.96 -1.12 -5.15
N MET A 126 -17.76 -2.21 -4.40
CA MET A 126 -18.86 -3.10 -4.02
C MET A 126 -19.92 -2.34 -3.21
N ALA A 127 -19.46 -1.54 -2.24
CA ALA A 127 -20.40 -0.71 -1.44
C ALA A 127 -21.13 0.32 -2.29
N LYS A 128 -20.39 1.02 -3.15
CA LYS A 128 -20.98 2.00 -4.07
C LYS A 128 -22.05 1.39 -4.99
N ALA A 129 -21.77 0.18 -5.49
CA ALA A 129 -22.74 -0.57 -6.35
C ALA A 129 -24.02 -0.95 -5.61
N ALA A 130 -23.93 -1.07 -4.29
CA ALA A 130 -25.09 -1.37 -3.40
C ALA A 130 -25.84 -0.12 -2.94
N GLY A 131 -25.35 1.06 -3.36
CA GLY A 131 -25.92 2.34 -2.98
C GLY A 131 -25.61 2.76 -1.55
N VAL A 132 -24.52 2.21 -1.00
CA VAL A 132 -24.08 2.55 0.37
C VAL A 132 -23.20 3.79 0.34
N ASN A 133 -23.44 4.75 1.24
CA ASN A 133 -22.58 5.92 1.41
C ASN A 133 -21.29 5.40 2.05
N VAL A 134 -20.22 5.30 1.26
CA VAL A 134 -18.98 4.70 1.76
C VAL A 134 -17.82 5.69 1.74
N GLY A 135 -16.98 5.65 2.78
CA GLY A 135 -15.73 6.41 2.79
C GLY A 135 -14.56 5.45 2.66
N VAL A 136 -13.72 5.68 1.64
CA VAL A 136 -12.61 4.76 1.27
C VAL A 136 -11.30 5.57 1.37
N GLY A 137 -10.32 5.05 2.10
CA GLY A 137 -9.07 5.76 2.20
C GLY A 137 -8.21 5.14 3.27
N GLY A 138 -7.54 5.97 4.03
CA GLY A 138 -6.59 5.49 5.01
C GLY A 138 -5.21 5.65 4.42
N ASN A 139 -4.50 4.55 4.26
CA ASN A 139 -3.14 4.55 3.76
C ASN A 139 -3.07 4.87 2.26
N ILE A 140 -4.22 4.76 1.58
CA ILE A 140 -4.39 5.34 0.23
C ILE A 140 -5.49 6.39 0.14
N GLY A 141 -5.55 7.15 -0.96
CA GLY A 141 -6.58 8.18 -1.10
C GLY A 141 -6.55 9.17 0.06
N LEU A 142 -7.72 9.59 0.54
CA LEU A 142 -7.77 10.52 1.66
C LEU A 142 -7.33 9.89 2.99
N PRO A 143 -6.51 10.60 3.77
CA PRO A 143 -6.27 10.20 5.16
C PRO A 143 -7.60 9.98 5.87
N ALA A 144 -7.65 8.96 6.73
CA ALA A 144 -8.88 8.52 7.41
C ALA A 144 -9.70 9.65 8.04
N LEU A 145 -9.04 10.55 8.77
CA LEU A 145 -9.75 11.64 9.41
C LEU A 145 -10.51 12.55 8.44
N MET A 146 -10.03 12.66 7.21
CA MET A 146 -10.78 13.39 6.16
C MET A 146 -12.05 12.68 5.68
N LEU A 147 -12.21 11.40 6.03
CA LEU A 147 -13.42 10.65 5.66
C LEU A 147 -14.57 10.78 6.67
N LEU A 148 -14.24 11.16 7.90
CA LEU A 148 -15.20 11.18 8.98
C LEU A 148 -16.43 12.03 8.65
N ASP A 149 -17.59 11.39 8.67
CA ASP A 149 -18.82 12.03 8.25
C ASP A 149 -19.94 11.21 8.84
N ASP A 150 -20.79 11.81 9.67
CA ASP A 150 -21.80 11.01 10.37
C ASP A 150 -22.95 10.53 9.45
N GLU A 151 -22.81 10.88 8.17
CA GLU A 151 -23.69 10.34 7.12
C GLU A 151 -23.09 9.11 6.41
N CYS A 152 -21.82 8.85 6.68
CA CYS A 152 -21.17 7.66 6.15
CA CYS A 152 -21.15 7.64 6.15
C CYS A 152 -21.79 6.40 6.72
N GLU A 153 -22.02 5.39 5.87
CA GLU A 153 -22.65 4.14 6.31
C GLU A 153 -21.66 2.96 6.38
N LEU A 154 -20.47 3.15 5.81
CA LEU A 154 -19.43 2.14 5.85
C LEU A 154 -18.11 2.84 5.57
N TYR A 155 -17.07 2.43 6.28
CA TYR A 155 -15.68 2.86 5.97
C TYR A 155 -14.87 1.67 5.50
N VAL A 156 -14.06 1.89 4.48
CA VAL A 156 -13.15 0.84 3.98
C VAL A 156 -11.75 1.46 4.05
N LEU A 157 -10.90 0.95 4.95
CA LEU A 157 -9.56 1.51 5.18
C LEU A 157 -8.42 0.58 4.83
N GLU A 158 -7.48 1.11 4.04
CA GLU A 158 -6.20 0.46 3.89
C GLU A 158 -5.35 0.95 5.02
N LEU A 159 -4.76 -0.01 5.71
CA LEU A 159 -3.93 0.28 6.85
C LEU A 159 -2.57 -0.34 6.62
N SER A 160 -1.52 0.45 6.83
CA SER A 160 -0.15 -0.06 6.80
C SER A 160 0.26 -0.72 8.13
N SER A 161 1.32 -1.53 8.09
CA SER A 161 1.86 -2.06 9.34
C SER A 161 2.22 -0.92 10.31
N PHE A 162 2.75 0.21 9.79
CA PHE A 162 3.12 1.37 10.63
C PHE A 162 1.93 1.99 11.34
N GLN A 163 0.85 2.22 10.60
CA GLN A 163 -0.39 2.72 11.19
C GLN A 163 -0.91 1.77 12.26
N LEU A 164 -0.87 0.47 11.97
CA LEU A 164 -1.39 -0.52 12.94
C LEU A 164 -0.64 -0.51 14.29
N GLU A 165 0.68 -0.27 14.26
CA GLU A 165 1.48 -0.22 15.49
C GLU A 165 0.99 0.81 16.52
N THR A 166 0.34 1.88 16.05
CA THR A 166 -0.10 2.94 16.96
C THR A 166 -1.62 2.95 17.15
N THR A 167 -2.27 1.86 16.70
CA THR A 167 -3.73 1.77 16.77
C THR A 167 -4.12 0.68 17.76
N SER A 168 -5.04 1.01 18.67
CA SER A 168 -5.50 0.10 19.72
C SER A 168 -7.02 -0.10 19.79
N SER A 169 -7.79 0.83 19.20
CA SER A 169 -9.25 0.84 19.30
C SER A 169 -10.03 0.37 18.07
N LEU A 170 -9.35 -0.18 17.09
CA LEU A 170 -10.00 -0.74 15.92
C LEU A 170 -10.79 -2.01 16.31
N GLN A 171 -12.05 -2.04 15.92
CA GLN A 171 -12.89 -3.22 16.09
C GLN A 171 -13.56 -3.41 14.71
N ALA A 172 -12.81 -3.95 13.77
CA ALA A 172 -13.27 -4.01 12.38
C ALA A 172 -14.45 -4.98 12.24
N VAL A 173 -15.43 -4.64 11.41
CA VAL A 173 -16.50 -5.60 11.06
C VAL A 173 -15.89 -6.79 10.29
N ALA A 174 -14.89 -6.49 9.46
CA ALA A 174 -14.15 -7.50 8.71
C ALA A 174 -12.72 -6.97 8.55
N ALA A 175 -11.73 -7.82 8.81
CA ALA A 175 -10.32 -7.43 8.67
C ALA A 175 -9.53 -8.55 8.01
N THR A 176 -8.53 -8.16 7.19
CA THR A 176 -7.66 -9.14 6.53
C THR A 176 -6.19 -8.67 6.50
N ILE A 177 -5.30 -9.64 6.62
CA ILE A 177 -3.93 -9.55 6.13
C ILE A 177 -3.85 -10.38 4.84
N LEU A 178 -3.69 -9.72 3.70
CA LEU A 178 -3.71 -10.45 2.42
C LEU A 178 -2.52 -11.41 2.25
N ASN A 179 -1.35 -10.99 2.76
CA ASN A 179 -0.12 -11.76 2.63
C ASN A 179 0.95 -11.04 3.48
N VAL A 180 2.04 -11.74 3.78
CA VAL A 180 3.16 -11.10 4.49
C VAL A 180 4.43 -11.54 3.77
N THR A 181 5.06 -10.61 3.06
CA THR A 181 6.36 -10.88 2.46
C THR A 181 7.30 -9.72 2.83
N GLU A 182 8.61 -9.99 2.81
CA GLU A 182 9.57 -9.02 3.36
C GLU A 182 9.40 -7.58 2.85
N ASP A 183 9.19 -6.64 3.77
CA ASP A 183 9.14 -5.22 3.41
C ASP A 183 9.39 -4.42 4.68
N HIS A 184 9.73 -3.14 4.52
CA HIS A 184 9.91 -2.22 5.65
C HIS A 184 10.98 -2.67 6.64
N MET A 185 11.98 -3.42 6.18
CA MET A 185 12.97 -3.98 7.11
C MET A 185 13.83 -2.88 7.76
N ASP A 186 13.87 -1.71 7.13
CA ASP A 186 14.51 -0.54 7.70
C ASP A 186 13.82 -0.05 8.99
N ARG A 187 12.57 -0.47 9.19
CA ARG A 187 11.76 -0.12 10.38
C ARG A 187 11.51 -1.30 11.32
N TYR A 188 11.99 -2.50 10.96
CA TYR A 188 11.73 -3.69 11.75
C TYR A 188 13.05 -4.44 12.01
N PRO A 189 13.86 -3.94 12.95
CA PRO A 189 15.17 -4.56 13.24
C PRO A 189 15.06 -5.93 13.93
N PHE A 190 13.86 -6.35 14.31
CA PHE A 190 13.63 -7.75 14.78
C PHE A 190 13.00 -8.63 13.67
N GLY A 191 13.18 -8.15 12.45
CA GLY A 191 12.93 -8.94 11.24
C GLY A 191 11.48 -9.23 10.92
N LEU A 192 11.31 -10.25 10.09
CA LEU A 192 10.03 -10.61 9.50
C LEU A 192 8.92 -10.85 10.52
N GLN A 193 9.21 -11.55 11.62
CA GLN A 193 8.14 -11.78 12.62
C GLN A 193 7.68 -10.50 13.31
N GLN A 194 8.58 -9.53 13.47
CA GLN A 194 8.21 -8.25 14.07
C GLN A 194 7.25 -7.44 13.15
N TYR A 195 7.58 -7.41 11.86
CA TYR A 195 6.74 -6.83 10.83
C TYR A 195 5.38 -7.54 10.80
N ARG A 196 5.40 -8.88 10.76
CA ARG A 196 4.16 -9.68 10.85
C ARG A 196 3.34 -9.33 12.10
N ALA A 197 4.01 -9.21 13.25
CA ALA A 197 3.31 -8.86 14.50
C ALA A 197 2.55 -7.57 14.38
N ALA A 198 3.13 -6.59 13.70
CA ALA A 198 2.43 -5.31 13.47
C ALA A 198 1.12 -5.53 12.70
N LEU A 200 -0.62 -8.32 12.38
CA LEU A 200 -1.57 -9.15 13.16
C LEU A 200 -2.48 -8.36 14.13
N ARG A 201 -2.04 -7.17 14.53
CA ARG A 201 -2.87 -6.24 15.30
C ARG A 201 -4.24 -5.95 14.65
N ILE A 202 -4.32 -6.03 13.32
CA ILE A 202 -5.55 -5.66 12.60
C ILE A 202 -6.70 -6.59 13.03
N TYR A 203 -6.37 -7.81 13.46
CA TYR A 203 -7.38 -8.82 13.79
C TYR A 203 -7.94 -8.67 15.19
N GLU A 204 -7.27 -7.87 16.03
CA GLU A 204 -7.72 -7.70 17.43
C GLU A 204 -9.12 -7.06 17.48
N ASN A 205 -10.08 -7.76 18.12
CA ASN A 205 -11.46 -7.29 18.23
C ASN A 205 -12.21 -7.18 16.89
N ALA A 206 -11.68 -7.79 15.84
CA ALA A 206 -12.38 -7.86 14.54
C ALA A 206 -13.54 -8.87 14.66
N LYS A 207 -14.70 -8.52 14.13
CA LYS A 207 -15.88 -9.39 14.12
C LYS A 207 -15.68 -10.63 13.26
N VAL A 208 -15.06 -10.43 12.09
CA VAL A 208 -14.67 -11.52 11.21
C VAL A 208 -13.25 -11.26 10.80
N CYS A 209 -12.41 -12.29 10.86
CA CYS A 209 -11.07 -12.24 10.29
C CYS A 209 -11.01 -13.02 8.98
N VAL A 210 -10.35 -12.45 7.99
CA VAL A 210 -10.22 -13.05 6.66
C VAL A 210 -8.73 -13.34 6.42
N VAL A 211 -8.39 -14.63 6.29
CA VAL A 211 -6.99 -15.03 6.17
C VAL A 211 -6.70 -15.62 4.80
N ASN A 212 -5.43 -15.66 4.42
CA ASN A 212 -4.97 -16.27 3.18
C ASN A 212 -4.56 -17.72 3.46
N ALA A 213 -5.36 -18.67 3.00
CA ALA A 213 -5.08 -20.10 3.22
C ALA A 213 -3.69 -20.49 2.68
N ASP A 214 -3.19 -19.70 1.74
CA ASP A 214 -1.91 -20.00 1.10
C ASP A 214 -0.72 -19.30 1.74
N ASP A 215 -0.98 -18.54 2.81
CA ASP A 215 0.09 -17.80 3.49
C ASP A 215 -0.12 -17.90 4.99
N ALA A 216 0.60 -18.82 5.62
CA ALA A 216 0.45 -19.07 7.05
C ALA A 216 0.72 -17.85 7.96
N LEU A 217 1.55 -16.92 7.50
CA LEU A 217 1.87 -15.71 8.28
C LEU A 217 0.68 -14.71 8.40
N THR A 218 -0.35 -14.89 7.57
CA THR A 218 -1.57 -14.07 7.67
C THR A 218 -2.53 -14.58 8.74
N MET A 219 -2.27 -15.77 9.28
CA MET A 219 -3.12 -16.32 10.31
C MET A 219 -2.71 -15.85 11.71
N PRO A 220 -3.71 -15.54 12.56
CA PRO A 220 -3.48 -15.23 13.97
C PRO A 220 -2.60 -16.29 14.68
N ILE A 221 -1.85 -15.88 15.70
CA ILE A 221 -0.97 -16.85 16.39
C ILE A 221 -1.83 -17.82 17.22
N ARG A 222 -2.86 -17.27 17.87
CA ARG A 222 -3.97 -18.05 18.43
C ARG A 222 -5.29 -17.36 18.09
N ARG A 227 -12.99 -19.34 14.29
CA ARG A 227 -12.14 -19.46 13.11
C ARG A 227 -12.17 -18.19 12.25
N CYS A 228 -11.18 -18.05 11.38
CA CYS A 228 -11.25 -17.01 10.39
C CYS A 228 -11.87 -17.59 9.14
N VAL A 229 -12.52 -16.75 8.36
CA VAL A 229 -12.85 -17.05 6.96
C VAL A 229 -11.56 -17.03 6.15
N SER A 230 -11.43 -17.96 5.21
CA SER A 230 -10.24 -18.02 4.37
C SER A 230 -10.52 -17.86 2.88
N PHE A 231 -9.52 -17.33 2.18
CA PHE A 231 -9.47 -17.34 0.73
C PHE A 231 -8.19 -17.99 0.27
N GLY A 232 -8.20 -18.58 -0.91
CA GLY A 232 -7.01 -19.25 -1.43
C GLY A 232 -7.19 -19.64 -2.89
N VAL A 233 -6.15 -20.21 -3.46
CA VAL A 233 -6.17 -20.59 -4.88
C VAL A 233 -6.92 -21.94 -5.03
N ASN A 234 -6.39 -22.99 -4.38
CA ASN A 234 -6.95 -24.34 -4.48
C ASN A 234 -7.74 -24.75 -3.25
N MET A 235 -7.64 -23.95 -2.19
CA MET A 235 -8.33 -24.24 -0.94
C MET A 235 -8.76 -22.93 -0.31
N GLY A 236 -9.64 -23.00 0.69
CA GLY A 236 -10.18 -21.80 1.34
C GLY A 236 -11.68 -21.80 1.19
N ASP A 237 -12.36 -21.08 2.06
CA ASP A 237 -13.81 -20.89 1.95
C ASP A 237 -14.17 -20.20 0.64
N TYR A 238 -13.30 -19.25 0.24
CA TYR A 238 -13.34 -18.54 -1.04
C TYR A 238 -12.12 -19.03 -1.83
N HIS A 239 -12.34 -19.64 -2.99
CA HIS A 239 -11.23 -20.23 -3.75
C HIS A 239 -11.48 -20.16 -5.27
N LEU A 240 -10.46 -20.53 -6.03
CA LEU A 240 -10.57 -20.58 -7.49
C LEU A 240 -10.83 -22.01 -8.01
N ASN A 241 -11.56 -22.08 -9.12
CA ASN A 241 -11.91 -23.33 -9.80
C ASN A 241 -11.49 -23.14 -11.26
N HIS A 242 -10.55 -23.96 -11.72
CA HIS A 242 -10.14 -23.90 -13.12
C HIS A 242 -10.95 -24.89 -13.96
N GLN A 243 -11.62 -24.38 -15.00
CA GLN A 243 -12.54 -25.16 -15.80
C GLN A 243 -12.15 -25.17 -17.28
N GLU A 246 -10.36 -21.43 -18.57
CA GLU A 246 -11.28 -20.63 -17.75
C GLU A 246 -11.12 -20.78 -16.22
N THR A 247 -11.36 -19.70 -15.49
CA THR A 247 -11.28 -19.64 -14.04
C THR A 247 -12.54 -19.02 -13.44
N TRP A 248 -13.02 -19.62 -12.36
CA TRP A 248 -14.16 -19.13 -11.61
C TRP A 248 -13.80 -18.77 -10.19
N LEU A 249 -14.44 -17.74 -9.66
CA LEU A 249 -14.48 -17.52 -8.23
C LEU A 249 -15.54 -18.42 -7.65
N ARG A 250 -15.20 -19.11 -6.57
CA ARG A 250 -16.15 -19.95 -5.83
C ARG A 250 -16.20 -19.64 -4.35
N VAL A 251 -17.39 -19.78 -3.75
CA VAL A 251 -17.54 -19.66 -2.31
C VAL A 251 -18.12 -20.99 -1.85
N LYS A 252 -17.35 -21.72 -1.05
CA LYS A 252 -17.76 -23.02 -0.50
C LYS A 252 -18.34 -23.94 -1.58
N GLY A 253 -17.62 -24.11 -2.66
CA GLY A 253 -18.08 -25.03 -3.70
C GLY A 253 -19.07 -24.48 -4.70
N GLU A 254 -19.67 -23.32 -4.43
CA GLU A 254 -20.62 -22.68 -5.35
C GLU A 254 -19.92 -21.67 -6.26
N LYS A 255 -20.11 -21.77 -7.57
CA LYS A 255 -19.58 -20.77 -8.52
C LYS A 255 -20.28 -19.41 -8.33
N VAL A 256 -19.50 -18.35 -8.28
CA VAL A 256 -20.07 -17.00 -8.17
C VAL A 256 -19.67 -16.06 -9.33
N LEU A 257 -18.55 -16.32 -9.99
CA LEU A 257 -18.11 -15.41 -11.08
C LEU A 257 -17.07 -16.08 -11.96
N ASN A 258 -17.34 -16.10 -13.27
CA ASN A 258 -16.38 -16.47 -14.28
C ASN A 258 -15.51 -15.23 -14.52
N VAL A 259 -14.21 -15.39 -14.33
CA VAL A 259 -13.32 -14.21 -14.27
C VAL A 259 -13.16 -13.55 -15.64
N LYS A 260 -13.67 -14.18 -16.70
CA LYS A 260 -13.72 -13.50 -18.01
C LYS A 260 -14.57 -12.21 -17.93
N GLU A 261 -15.44 -12.11 -16.94
CA GLU A 261 -16.23 -10.90 -16.73
C GLU A 261 -15.43 -9.81 -15.98
N MET A 262 -14.27 -10.15 -15.43
CA MET A 262 -13.44 -9.18 -14.73
C MET A 262 -12.57 -8.42 -15.74
N LYS A 263 -12.29 -7.17 -15.46
CA LYS A 263 -11.31 -6.42 -16.26
C LYS A 263 -9.88 -6.70 -15.77
N LEU A 264 -9.72 -6.93 -14.47
CA LEU A 264 -8.43 -7.38 -13.96
C LEU A 264 -8.11 -8.81 -14.40
N SER A 265 -6.82 -9.09 -14.54
CA SER A 265 -6.37 -10.42 -14.90
C SER A 265 -5.22 -10.86 -14.02
N GLY A 266 -4.87 -12.15 -14.09
CA GLY A 266 -3.78 -12.70 -13.31
C GLY A 266 -4.29 -13.28 -12.01
N GLN A 267 -3.71 -14.43 -11.65
CA GLN A 267 -4.10 -15.17 -10.46
C GLN A 267 -4.12 -14.32 -9.19
N HIS A 268 -3.09 -13.50 -8.98
CA HIS A 268 -3.08 -12.70 -7.73
C HIS A 268 -4.23 -11.68 -7.66
N ASN A 269 -4.70 -11.20 -8.82
CA ASN A 269 -5.90 -10.38 -8.82
C ASN A 269 -7.19 -11.12 -8.63
N TYR A 270 -7.22 -12.38 -9.05
CA TYR A 270 -8.34 -13.28 -8.73
C TYR A 270 -8.43 -13.55 -7.24
N THR A 271 -7.29 -13.81 -6.56
CA THR A 271 -7.34 -13.92 -5.11
C THR A 271 -7.63 -12.57 -4.43
N ASN A 272 -7.17 -11.45 -5.00
CA ASN A 272 -7.64 -10.12 -4.52
C ASN A 272 -9.17 -10.02 -4.56
N ALA A 273 -9.76 -10.51 -5.66
CA ALA A 273 -11.23 -10.50 -5.83
C ALA A 273 -11.92 -11.31 -4.75
N LEU A 274 -11.37 -12.51 -4.47
CA LEU A 274 -11.90 -13.37 -3.41
C LEU A 274 -11.85 -12.70 -2.05
N ALA A 275 -10.70 -12.07 -1.75
CA ALA A 275 -10.52 -11.37 -0.45
C ALA A 275 -11.53 -10.27 -0.33
N ALA A 276 -11.71 -9.51 -1.42
CA ALA A 276 -12.68 -8.40 -1.42
C ALA A 276 -14.10 -8.93 -1.20
N LEU A 277 -14.45 -10.02 -1.92
CA LEU A 277 -15.78 -10.61 -1.76
C LEU A 277 -16.01 -11.10 -0.32
N ALA A 278 -14.99 -11.75 0.28
CA ALA A 278 -15.10 -12.22 1.66
C ALA A 278 -15.37 -11.07 2.66
N LEU A 279 -14.64 -9.98 2.49
CA LEU A 279 -14.82 -8.78 3.32
C LEU A 279 -16.21 -8.15 3.14
N ALA A 280 -16.62 -7.95 1.88
CA ALA A 280 -17.94 -7.38 1.54
C ALA A 280 -19.07 -8.24 2.10
N ASP A 281 -18.95 -9.57 1.93
CA ASP A 281 -19.95 -10.52 2.49
C ASP A 281 -20.05 -10.35 4.02
N ALA A 282 -18.90 -10.31 4.68
CA ALA A 282 -18.85 -10.12 6.12
C ALA A 282 -19.44 -8.78 6.59
N ALA A 283 -19.24 -7.73 5.80
CA ALA A 283 -19.82 -6.40 6.04
C ALA A 283 -21.33 -6.35 5.79
N GLY A 284 -21.90 -7.40 5.22
CA GLY A 284 -23.33 -7.44 4.93
C GLY A 284 -23.76 -6.84 3.60
N LEU A 285 -22.82 -6.57 2.70
CA LEU A 285 -23.15 -5.99 1.39
C LEU A 285 -23.84 -7.04 0.51
N PRO A 286 -24.85 -6.63 -0.31
CA PRO A 286 -25.51 -7.65 -1.17
C PRO A 286 -24.56 -8.26 -2.18
N ARG A 287 -24.64 -9.59 -2.34
CA ARG A 287 -23.72 -10.36 -3.18
C ARG A 287 -23.75 -9.94 -4.66
N ALA A 288 -24.94 -9.71 -5.19
CA ALA A 288 -25.10 -9.32 -6.59
C ALA A 288 -24.39 -8.02 -6.97
N SER A 289 -24.54 -6.96 -6.17
CA SER A 289 -23.86 -5.71 -6.41
C SER A 289 -22.34 -5.84 -6.22
N SER A 290 -21.93 -6.69 -5.29
CA SER A 290 -20.48 -6.95 -5.08
C SER A 290 -19.86 -7.59 -6.31
N LEU A 291 -20.57 -8.57 -6.87
CA LEU A 291 -20.11 -9.26 -8.10
C LEU A 291 -20.05 -8.28 -9.26
N LYS A 292 -21.03 -7.38 -9.34
CA LYS A 292 -21.11 -6.35 -10.36
C LYS A 292 -19.88 -5.42 -10.33
N ALA A 293 -19.48 -5.02 -9.12
CA ALA A 293 -18.30 -4.18 -8.95
C ALA A 293 -17.05 -4.89 -9.46
N LEU A 294 -17.00 -6.21 -9.26
CA LEU A 294 -15.85 -6.99 -9.76
C LEU A 294 -15.69 -6.90 -11.28
N THR A 295 -16.79 -6.66 -11.97
CA THR A 295 -16.79 -6.61 -13.43
C THR A 295 -16.53 -5.20 -13.98
N THR A 296 -16.70 -4.18 -13.14
CA THR A 296 -16.53 -2.81 -13.61
C THR A 296 -15.17 -2.24 -13.25
N PHE A 297 -14.56 -2.73 -12.17
CA PHE A 297 -13.27 -2.18 -11.73
C PHE A 297 -12.11 -2.37 -12.74
N THR A 298 -11.42 -1.28 -13.12
CA THR A 298 -10.38 -1.38 -14.15
C THR A 298 -8.93 -1.46 -13.64
N GLY A 299 -8.71 -1.20 -12.37
CA GLY A 299 -7.33 -1.18 -11.87
C GLY A 299 -6.98 0.20 -11.34
N LEU A 300 -5.88 0.27 -10.61
CA LEU A 300 -5.41 1.52 -10.03
C LEU A 300 -4.27 2.07 -10.88
N PRO A 301 -4.13 3.40 -10.93
CA PRO A 301 -2.93 3.97 -11.60
C PRO A 301 -1.69 3.40 -10.92
N HIS A 302 -0.66 3.15 -11.73
CA HIS A 302 0.68 2.71 -11.27
C HIS A 302 0.69 1.25 -10.81
N ARG A 303 -0.42 0.56 -10.97
CA ARG A 303 -0.48 -0.85 -10.58
C ARG A 303 -0.62 -1.67 -11.86
N PHE A 304 0.52 -2.20 -12.31
CA PHE A 304 0.64 -2.87 -13.62
C PHE A 304 -0.25 -2.19 -14.68
N GLU A 305 0.02 -0.92 -14.89
CA GLU A 305 -0.81 -0.08 -15.75
C GLU A 305 -0.15 0.09 -17.13
N VAL A 306 -0.86 -0.33 -18.18
CA VAL A 306 -0.33 -0.15 -19.52
C VAL A 306 -0.46 1.31 -19.87
N VAL A 307 0.68 1.98 -19.99
CA VAL A 307 0.64 3.41 -20.31
C VAL A 307 0.73 3.66 -21.80
N LEU A 308 1.34 2.72 -22.52
CA LEU A 308 1.45 2.82 -23.96
C LEU A 308 1.60 1.44 -24.53
N GLU A 309 0.81 1.19 -25.58
CA GLU A 309 0.95 0.00 -26.38
C GLU A 309 0.99 0.51 -27.80
N HIS A 310 2.19 0.54 -28.38
CA HIS A 310 2.40 1.16 -29.69
C HIS A 310 3.57 0.48 -30.41
N ASN A 311 3.43 0.28 -31.72
CA ASN A 311 4.50 -0.31 -32.52
C ASN A 311 5.03 -1.66 -32.06
N GLY A 312 4.15 -2.47 -31.48
CA GLY A 312 4.51 -3.81 -31.05
C GLY A 312 5.11 -3.91 -29.66
N VAL A 313 5.11 -2.78 -28.94
CA VAL A 313 5.74 -2.70 -27.60
C VAL A 313 4.74 -2.22 -26.56
N ARG A 314 4.64 -2.96 -25.45
CA ARG A 314 3.83 -2.56 -24.29
C ARG A 314 4.73 -1.93 -23.24
N TRP A 315 4.37 -0.72 -22.80
CA TRP A 315 5.11 -0.03 -21.72
C TRP A 315 4.20 -0.03 -20.50
N ILE A 316 4.67 -0.65 -19.41
CA ILE A 316 3.82 -0.90 -18.23
C ILE A 316 4.41 -0.19 -17.02
N ASN A 317 3.59 0.68 -16.45
CA ASN A 317 3.85 1.38 -15.20
C ASN A 317 3.36 0.54 -14.01
N ASP A 318 4.28 -0.20 -13.39
CA ASP A 318 4.04 -0.88 -12.10
C ASP A 318 4.89 -0.20 -10.99
N SER A 319 4.94 1.13 -11.00
CA SER A 319 5.64 1.93 -10.00
C SER A 319 5.17 1.63 -8.57
N LYS A 320 3.92 1.20 -8.43
CA LYS A 320 3.42 0.84 -7.08
C LYS A 320 4.12 -0.41 -6.52
N ALA A 321 4.89 -1.14 -7.34
CA ALA A 321 5.70 -2.25 -6.80
C ALA A 321 6.90 -1.74 -5.98
N THR A 322 6.68 -1.56 -4.67
CA THR A 322 7.70 -0.98 -3.78
C THR A 322 8.39 -2.03 -2.90
N ASN A 323 8.12 -3.30 -3.19
CA ASN A 323 8.76 -4.41 -2.50
C ASN A 323 8.98 -5.60 -3.43
N VAL A 324 9.80 -6.56 -2.99
CA VAL A 324 10.13 -7.74 -3.80
C VAL A 324 8.89 -8.57 -4.17
N GLY A 325 8.03 -8.83 -3.19
CA GLY A 325 6.82 -9.66 -3.43
C GLY A 325 5.86 -9.11 -4.47
N SER A 326 5.81 -7.78 -4.56
CA SER A 326 4.97 -7.10 -5.53
C SER A 326 5.58 -7.29 -6.92
N THR A 327 6.89 -7.10 -7.04
CA THR A 327 7.56 -7.30 -8.34
C THR A 327 7.46 -8.76 -8.78
N GLU A 328 7.63 -9.68 -7.82
CA GLU A 328 7.39 -11.10 -8.06
C GLU A 328 5.98 -11.38 -8.60
N ALA A 329 4.98 -10.69 -8.06
CA ALA A 329 3.60 -10.85 -8.58
C ALA A 329 3.45 -10.41 -10.03
N ALA A 330 4.24 -9.42 -10.44
CA ALA A 330 4.21 -8.98 -11.83
C ALA A 330 4.95 -9.97 -12.73
N LEU A 331 6.05 -10.55 -12.21
CA LEU A 331 6.89 -11.48 -12.99
C LEU A 331 6.39 -12.91 -13.09
N ASN A 332 5.76 -13.41 -12.02
CA ASN A 332 5.32 -14.81 -11.97
C ASN A 332 4.20 -15.07 -12.96
N GLY A 333 4.46 -15.94 -13.94
CA GLY A 333 3.50 -16.23 -15.01
C GLY A 333 3.43 -15.18 -16.13
N LEU A 334 4.39 -14.24 -16.15
CA LEU A 334 4.33 -13.12 -17.10
C LEU A 334 4.64 -13.62 -18.51
N HIS A 335 3.81 -13.24 -19.47
CA HIS A 335 4.06 -13.62 -20.85
C HIS A 335 4.70 -12.49 -21.61
N VAL A 336 5.87 -12.74 -22.18
CA VAL A 336 6.55 -11.76 -23.03
C VAL A 336 6.90 -12.38 -24.39
N ASP A 337 6.50 -11.74 -25.48
CA ASP A 337 6.79 -12.35 -26.80
C ASP A 337 8.27 -12.26 -27.14
N GLY A 338 8.81 -11.05 -27.03
CA GLY A 338 10.22 -10.81 -27.30
C GLY A 338 11.02 -10.67 -26.02
N THR A 339 11.67 -9.53 -25.87
CA THR A 339 12.51 -9.23 -24.71
C THR A 339 11.77 -8.40 -23.65
N LEU A 340 11.94 -8.82 -22.40
CA LEU A 340 11.51 -8.03 -21.26
C LEU A 340 12.63 -7.06 -20.83
N HIS A 341 12.32 -5.77 -20.89
CA HIS A 341 13.20 -4.74 -20.41
C HIS A 341 12.67 -4.30 -19.03
N LEU A 342 13.34 -4.75 -17.97
CA LEU A 342 12.84 -4.56 -16.59
C LEU A 342 13.60 -3.42 -15.86
N LEU A 343 12.87 -2.42 -15.39
CA LEU A 343 13.45 -1.31 -14.64
C LEU A 343 13.33 -1.62 -13.14
N LEU A 344 14.48 -1.65 -12.47
CA LEU A 344 14.57 -1.96 -11.04
C LEU A 344 15.34 -0.86 -10.35
N GLY A 345 14.91 -0.42 -9.17
CA GLY A 345 15.76 0.51 -8.44
C GLY A 345 15.13 1.43 -7.45
N GLY A 346 15.99 2.13 -6.68
CA GLY A 346 15.54 3.02 -5.63
C GLY A 346 16.04 2.57 -4.27
N ASP A 347 15.23 2.84 -3.25
CA ASP A 347 15.55 2.50 -1.88
C ASP A 347 14.92 1.15 -1.57
N GLY A 348 15.75 0.12 -1.55
CA GLY A 348 15.28 -1.24 -1.30
C GLY A 348 14.96 -1.60 0.15
N LYS A 349 15.12 -0.66 1.10
CA LYS A 349 14.77 -0.89 2.52
C LYS A 349 15.41 -2.16 3.11
N SER A 350 16.67 -2.42 2.71
CA SER A 350 17.44 -3.61 3.14
C SER A 350 16.81 -4.94 2.75
N ALA A 351 15.94 -4.95 1.73
CA ALA A 351 15.33 -6.19 1.27
C ALA A 351 16.35 -7.11 0.60
N ASP A 352 16.15 -8.42 0.78
CA ASP A 352 16.82 -9.45 -0.02
C ASP A 352 16.10 -9.56 -1.39
N PHE A 353 16.79 -9.13 -2.45
CA PHE A 353 16.23 -9.14 -3.81
C PHE A 353 16.35 -10.51 -4.48
N SER A 354 16.99 -11.46 -3.83
CA SER A 354 17.30 -12.75 -4.49
C SER A 354 16.08 -13.60 -4.89
N PRO A 355 14.92 -13.49 -4.18
CA PRO A 355 13.74 -14.16 -4.74
C PRO A 355 13.38 -13.78 -6.20
N LEU A 356 13.91 -12.66 -6.70
CA LEU A 356 13.64 -12.22 -8.07
C LEU A 356 14.47 -12.99 -9.09
N ALA A 357 15.61 -13.53 -8.64
CA ALA A 357 16.59 -14.14 -9.54
C ALA A 357 15.98 -15.26 -10.40
N ARG A 358 15.05 -16.04 -9.83
CA ARG A 358 14.47 -17.17 -10.56
C ARG A 358 13.62 -16.82 -11.77
N TYR A 359 13.23 -15.55 -11.89
CA TYR A 359 12.42 -15.05 -13.00
C TYR A 359 13.27 -14.43 -14.10
N LEU A 360 14.58 -14.31 -13.85
CA LEU A 360 15.44 -13.51 -14.68
C LEU A 360 16.42 -14.33 -15.52
N ASN A 361 16.18 -15.64 -15.61
CA ASN A 361 16.96 -16.54 -16.47
C ASN A 361 16.54 -16.44 -17.93
N GLY A 362 17.39 -16.92 -18.84
CA GLY A 362 16.98 -16.99 -20.26
C GLY A 362 17.56 -15.89 -21.12
N ASP A 363 17.23 -15.96 -22.41
CA ASP A 363 17.83 -15.07 -23.39
C ASP A 363 17.00 -13.82 -23.61
N ASN A 364 15.86 -13.71 -22.93
CA ASN A 364 14.90 -12.64 -23.26
C ASN A 364 14.59 -11.66 -22.09
N VAL A 365 15.61 -11.36 -21.28
CA VAL A 365 15.50 -10.38 -20.20
C VAL A 365 16.71 -9.45 -20.16
N ARG A 366 16.45 -8.16 -20.00
CA ARG A 366 17.47 -7.17 -19.75
C ARG A 366 17.07 -6.39 -18.50
N LEU A 367 18.06 -6.05 -17.66
CA LEU A 367 17.81 -5.29 -16.42
C LEU A 367 18.39 -3.89 -16.53
N TYR A 368 17.64 -2.91 -16.07
CA TYR A 368 18.12 -1.54 -16.08
C TYR A 368 17.93 -1.01 -14.66
N CYS A 369 19.05 -0.89 -13.95
CA CYS A 369 19.05 -0.72 -12.48
C CYS A 369 19.52 0.67 -12.08
N PHE A 370 18.80 1.31 -11.16
CA PHE A 370 19.10 2.71 -10.84
C PHE A 370 18.82 3.02 -9.36
N GLY A 371 18.99 4.29 -8.99
CA GLY A 371 18.76 4.75 -7.61
C GLY A 371 19.74 4.19 -6.59
N ARG A 372 19.44 4.39 -5.31
CA ARG A 372 20.31 4.01 -4.21
C ARG A 372 20.84 2.57 -4.29
N ASP A 373 19.96 1.60 -4.53
CA ASP A 373 20.32 0.21 -4.51
C ASP A 373 20.54 -0.44 -5.88
N GLY A 374 20.79 0.39 -6.89
CA GLY A 374 20.97 -0.09 -8.26
C GLY A 374 22.04 -1.15 -8.46
N ALA A 375 23.16 -1.01 -7.75
CA ALA A 375 24.27 -1.95 -7.89
C ALA A 375 23.87 -3.32 -7.38
N GLN A 376 23.17 -3.34 -6.25
CA GLN A 376 22.63 -4.56 -5.61
C GLN A 376 21.65 -5.28 -6.54
N LEU A 377 20.82 -4.50 -7.24
CA LEU A 377 19.85 -5.06 -8.16
C LEU A 377 20.52 -5.60 -9.41
N ALA A 378 21.45 -4.84 -9.96
CA ALA A 378 22.24 -5.30 -11.12
C ALA A 378 22.92 -6.64 -10.85
N ALA A 379 23.31 -6.85 -9.60
CA ALA A 379 24.03 -8.03 -9.15
C ALA A 379 23.21 -9.32 -9.19
N LEU A 380 21.89 -9.20 -9.38
CA LEU A 380 21.05 -10.39 -9.54
C LEU A 380 21.43 -11.19 -10.80
N ARG A 381 21.84 -10.47 -11.84
CA ARG A 381 22.34 -11.10 -13.08
C ARG A 381 23.15 -10.10 -13.89
N PRO A 382 24.42 -9.90 -13.49
CA PRO A 382 25.30 -8.86 -14.03
C PRO A 382 25.43 -8.87 -15.56
N GLU A 383 25.42 -10.05 -16.15
CA GLU A 383 25.65 -10.22 -17.58
C GLU A 383 24.53 -9.61 -18.45
N VAL A 384 23.31 -9.50 -17.89
CA VAL A 384 22.17 -8.86 -18.60
C VAL A 384 21.74 -7.51 -18.01
N ALA A 385 22.59 -6.93 -17.13
CA ALA A 385 22.22 -5.72 -16.38
C ALA A 385 23.01 -4.49 -16.77
N GLU A 386 22.34 -3.35 -16.82
CA GLU A 386 23.00 -2.05 -16.88
C GLU A 386 22.65 -1.30 -15.62
N GLN A 387 23.56 -0.46 -15.14
CA GLN A 387 23.27 0.39 -13.98
C GLN A 387 23.40 1.85 -14.36
N THR A 388 22.44 2.66 -13.94
CA THR A 388 22.49 4.11 -14.09
C THR A 388 22.20 4.74 -12.75
N GLU A 389 22.40 6.05 -12.67
CA GLU A 389 21.97 6.81 -11.51
C GLU A 389 20.45 6.97 -11.44
N THR A 390 19.84 7.37 -12.56
CA THR A 390 18.43 7.75 -12.57
C THR A 390 17.59 6.85 -13.49
N MET A 391 16.29 6.84 -13.22
CA MET A 391 15.33 6.12 -14.04
C MET A 391 15.27 6.73 -15.45
N GLU A 392 15.34 8.04 -15.55
CA GLU A 392 15.40 8.67 -16.87
C GLU A 392 16.60 8.16 -17.70
N GLN A 393 17.78 8.07 -17.08
CA GLN A 393 18.95 7.56 -17.77
C GLN A 393 18.73 6.14 -18.25
N ALA A 394 18.09 5.34 -17.38
CA ALA A 394 17.80 3.94 -17.66
C ALA A 394 16.87 3.83 -18.86
N MET A 395 15.86 4.71 -18.92
CA MET A 395 14.86 4.71 -19.99
CA MET A 395 14.88 4.64 -19.99
C MET A 395 15.47 5.06 -21.34
N ARG A 396 16.29 6.10 -21.33
CA ARG A 396 17.02 6.50 -22.53
C ARG A 396 18.06 5.48 -22.96
N LEU A 397 18.59 4.71 -22.00
CA LEU A 397 19.48 3.60 -22.36
C LEU A 397 18.71 2.45 -23.04
N LEU A 398 17.58 2.05 -22.46
CA LEU A 398 16.87 0.91 -22.99
C LEU A 398 16.08 1.22 -24.26
N ALA A 399 15.61 2.46 -24.43
CA ALA A 399 14.61 2.74 -25.50
C ALA A 399 15.10 2.28 -26.90
N PRO A 400 16.35 2.66 -27.29
CA PRO A 400 16.85 2.21 -28.61
C PRO A 400 16.88 0.68 -28.81
N ARG A 401 17.01 -0.08 -27.72
CA ARG A 401 17.09 -1.53 -27.80
C ARG A 401 15.73 -2.22 -27.94
N VAL A 402 14.66 -1.46 -27.75
CA VAL A 402 13.32 -2.02 -27.72
C VAL A 402 12.89 -2.38 -29.15
N GLN A 403 12.42 -3.63 -29.32
CA GLN A 403 12.03 -4.18 -30.63
C GLN A 403 10.56 -4.59 -30.56
N PRO A 404 9.88 -4.67 -31.74
CA PRO A 404 8.50 -5.22 -31.75
C PRO A 404 8.39 -6.60 -31.07
N GLY A 405 7.37 -6.77 -30.23
CA GLY A 405 7.22 -7.95 -29.34
C GLY A 405 7.75 -7.78 -27.91
N ASP A 406 8.55 -6.74 -27.70
CA ASP A 406 9.11 -6.45 -26.37
C ASP A 406 8.11 -5.85 -25.37
N MET A 407 8.49 -5.92 -24.09
CA MET A 407 7.76 -5.25 -23.01
C MET A 407 8.75 -4.41 -22.21
N VAL A 408 8.39 -3.16 -21.92
CA VAL A 408 9.15 -2.34 -20.97
C VAL A 408 8.34 -2.31 -19.68
N LEU A 409 8.94 -2.75 -18.58
CA LEU A 409 8.23 -2.88 -17.30
C LEU A 409 8.99 -2.16 -16.17
N LEU A 410 8.41 -1.05 -15.71
CA LEU A 410 8.83 -0.41 -14.46
C LEU A 410 8.15 -1.17 -13.30
N SER A 411 8.89 -2.07 -12.64
CA SER A 411 8.34 -2.77 -11.45
C SER A 411 9.53 -2.84 -10.49
N PRO A 412 9.82 -1.71 -9.83
CA PRO A 412 11.19 -1.53 -9.30
C PRO A 412 11.60 -2.24 -8.01
N ALA A 413 10.63 -2.83 -7.29
CA ALA A 413 10.88 -3.62 -6.05
C ALA A 413 11.39 -2.82 -4.85
N CYS A 414 11.31 -1.49 -4.98
CA CYS A 414 11.91 -0.55 -4.03
C CYS A 414 11.03 0.66 -3.81
N ALA A 415 11.19 1.30 -2.66
CA ALA A 415 10.64 2.63 -2.45
C ALA A 415 11.31 3.67 -3.38
N SER A 416 10.56 4.70 -3.72
CA SER A 416 11.03 5.75 -4.62
C SER A 416 11.63 6.92 -3.86
N LEU A 417 11.57 6.86 -2.53
CA LEU A 417 11.78 8.06 -1.73
C LEU A 417 13.22 8.59 -1.75
N ASP A 418 14.17 7.81 -2.27
CA ASP A 418 15.55 8.35 -2.47
C ASP A 418 15.62 9.41 -3.57
N GLN A 419 14.76 9.33 -4.60
CA GLN A 419 14.85 10.25 -5.74
C GLN A 419 13.54 10.95 -6.12
N PHE A 420 12.43 10.50 -5.53
CA PHE A 420 11.10 10.99 -5.84
C PHE A 420 10.29 11.31 -4.56
N LYS A 421 9.24 12.09 -4.71
CA LYS A 421 8.28 12.35 -3.61
C LYS A 421 7.52 11.10 -3.17
N ASN A 422 7.16 10.25 -4.14
CA ASN A 422 6.34 9.04 -3.91
C ASN A 422 6.29 8.20 -5.19
N PHE A 423 5.75 6.98 -5.12
CA PHE A 423 5.74 6.08 -6.25
C PHE A 423 4.87 6.65 -7.39
N GLU A 424 3.91 7.52 -7.06
CA GLU A 424 3.09 8.16 -8.12
C GLU A 424 3.92 9.07 -9.01
N GLN A 425 4.79 9.88 -8.40
CA GLN A 425 5.61 10.78 -9.21
C GLN A 425 6.56 9.96 -10.09
N ARG A 426 7.11 8.89 -9.53
CA ARG A 426 7.94 7.95 -10.30
C ARG A 426 7.18 7.32 -11.49
N GLY A 427 5.96 6.84 -11.24
CA GLY A 427 5.06 6.34 -12.30
C GLY A 427 4.69 7.39 -13.36
N ASN A 428 4.36 8.59 -12.89
CA ASN A 428 4.06 9.69 -13.82
C ASN A 428 5.27 10.04 -14.70
N GLU A 429 6.46 10.10 -14.11
CA GLU A 429 7.68 10.35 -14.90
CA GLU A 429 7.66 10.36 -14.90
C GLU A 429 7.94 9.25 -15.92
N PHE A 430 7.75 8.00 -15.49
CA PHE A 430 7.91 6.87 -16.39
C PHE A 430 6.94 7.01 -17.58
N ALA A 431 5.68 7.35 -17.30
CA ALA A 431 4.65 7.41 -18.35
C ALA A 431 5.00 8.47 -19.39
N ARG A 432 5.46 9.64 -18.91
CA ARG A 432 5.82 10.76 -19.78
C ARG A 432 6.96 10.31 -20.70
N LEU A 433 7.93 9.62 -20.12
CA LEU A 433 9.11 9.18 -20.87
C LEU A 433 8.77 8.07 -21.85
N ALA A 434 7.90 7.15 -21.42
CA ALA A 434 7.40 6.08 -22.29
C ALA A 434 6.75 6.68 -23.53
N LYS A 435 5.94 7.72 -23.35
CA LYS A 435 5.22 8.34 -24.47
C LYS A 435 6.19 9.07 -25.42
N GLU A 436 7.21 9.69 -24.83
CA GLU A 436 8.25 10.30 -25.64
C GLU A 436 9.04 9.25 -26.43
N LEU A 437 9.53 8.23 -25.73
CA LEU A 437 10.48 7.30 -26.33
C LEU A 437 9.80 6.21 -27.15
N GLY A 438 8.51 5.97 -26.91
CA GLY A 438 7.80 4.87 -27.55
C GLY A 438 7.09 5.15 -28.87
N SER A 439 7.29 6.35 -29.43
CA SER A 439 6.81 6.69 -30.79
C SER A 439 7.96 7.30 -31.60
N HIS A 440 7.83 7.38 -32.93
CA HIS A 440 8.94 7.94 -33.76
C HIS A 440 8.95 9.47 -33.78
#